data_7Q8O
#
_entry.id   7Q8O
#
_cell.length_a   93.54
_cell.length_b   93.54
_cell.length_c   124.09
_cell.angle_alpha   90.00
_cell.angle_beta   90.00
_cell.angle_gamma   90.00
#
_symmetry.space_group_name_H-M   'P 43 21 2'
#
loop_
_entity.id
_entity.type
_entity.pdbx_description
1 polymer 'Cathepsin L2'
2 polymer 'LLSGKE Peptide'
3 non-polymer 'CHLORIDE ION'
4 non-polymer (4S)-2-METHYL-2,4-PENTANEDIOL
5 water water
#
loop_
_entity_poly.entity_id
_entity_poly.type
_entity_poly.pdbx_seq_one_letter_code
_entity_poly.pdbx_strand_id
1 'polypeptide(L)'
;LPKSVDWRKKGYVTPVKNQKQCGSAWAFSATGALEGQMFRKTGKLVSLSEQNLVDCSRPQGNQGCNGGFMARAFQYVKEN
GGLDSEESYPYVAVDEICKYRPENSVAQDTGFTVVAPGKEKALMKAVATVGPISVAMDAGHSSFQFYKSGIYFEPDCSSK
NLDHGVLVVGYGFEGANSQNSKYWLVKNSWGPEWGSNGYVKIAKDKNNHCGIATAASYPNV
;
AA,BA
2 'polypeptide(L)' LLSGKE PB,PA
#
loop_
_chem_comp.id
_chem_comp.type
_chem_comp.name
_chem_comp.formula
CL non-polymer 'CHLORIDE ION' 'Cl -1'
MPD non-polymer (4S)-2-METHYL-2,4-PENTANEDIOL 'C6 H14 O2'
#
# COMPACT_ATOMS: atom_id res chain seq x y z
N LEU A 1 -22.06 8.49 -5.42
CA LEU A 1 -20.79 8.09 -4.77
C LEU A 1 -19.68 7.80 -5.82
N PRO A 2 -18.39 7.93 -5.46
CA PRO A 2 -17.37 7.51 -6.41
C PRO A 2 -17.47 6.05 -6.88
N LYS A 3 -16.95 5.79 -8.10
CA LYS A 3 -16.96 4.44 -8.67
C LYS A 3 -15.88 3.55 -7.94
N SER A 4 -14.83 4.20 -7.40
CA SER A 4 -13.77 3.45 -6.68
C SER A 4 -13.19 4.43 -5.74
N VAL A 5 -12.58 3.92 -4.67
CA VAL A 5 -11.96 4.76 -3.64
C VAL A 5 -10.83 3.95 -3.06
N ASP A 6 -9.71 4.61 -2.80
CA ASP A 6 -8.58 3.91 -2.21
C ASP A 6 -7.87 4.90 -1.29
N TRP A 7 -8.21 4.86 0.02
CA TRP A 7 -7.56 5.78 0.93
C TRP A 7 -6.05 5.59 1.10
N ARG A 8 -5.51 4.44 0.71
CA ARG A 8 -4.06 4.22 0.84
C ARG A 8 -3.33 5.20 -0.15
N LYS A 9 -4.00 5.57 -1.26
CA LYS A 9 -3.41 6.48 -2.28
C LYS A 9 -3.44 7.95 -1.86
N LYS A 10 -4.13 8.19 -0.76
CA LYS A 10 -4.24 9.53 -0.24
C LYS A 10 -3.41 9.77 1.07
N GLY A 11 -2.73 8.74 1.58
CA GLY A 11 -1.93 8.89 2.79
C GLY A 11 -2.60 8.66 4.12
N TYR A 12 -3.77 8.13 4.07
CA TYR A 12 -4.53 7.86 5.30
C TYR A 12 -4.22 6.52 5.97
N VAL A 13 -3.42 5.65 5.34
CA VAL A 13 -3.15 4.32 5.94
C VAL A 13 -1.74 3.96 6.21
N THR A 14 -1.49 3.39 7.39
CA THR A 14 -0.13 3.01 7.73
C THR A 14 0.24 1.70 7.10
N PRO A 15 1.56 1.32 7.13
CA PRO A 15 1.92 0.04 6.55
C PRO A 15 1.20 -1.10 7.33
N VAL A 16 1.16 -2.29 6.72
CA VAL A 16 0.52 -3.45 7.32
C VAL A 16 1.22 -3.90 8.56
N LYS A 17 0.43 -4.18 9.63
CA LYS A 17 0.95 -4.63 10.93
C LYS A 17 0.69 -6.08 11.14
N ASN A 18 1.24 -6.66 12.21
CA ASN A 18 1.05 -8.06 12.48
C ASN A 18 0.66 -8.29 13.94
N GLN A 19 -0.57 -8.77 14.16
CA GLN A 19 -1.07 -9.04 15.52
C GLN A 19 -0.40 -10.27 16.14
N LYS A 20 0.26 -11.11 15.31
CA LYS A 20 0.94 -12.31 15.81
C LYS A 20 -0.05 -13.21 16.60
N GLN A 21 0.44 -13.95 17.61
CA GLN A 21 -0.47 -14.81 18.36
C GLN A 21 -1.21 -14.17 19.52
N CYS A 22 -2.05 -13.19 19.18
CA CYS A 22 -2.83 -12.48 20.17
C CYS A 22 -4.13 -12.14 19.42
N GLY A 23 -5.32 -12.40 20.04
CA GLY A 23 -6.61 -12.11 19.38
C GLY A 23 -6.92 -10.64 19.55
N SER A 24 -6.08 -9.80 18.94
CA SER A 24 -6.25 -8.35 19.01
C SER A 24 -6.62 -7.75 17.63
N ALA A 25 -7.18 -8.56 16.69
CA ALA A 25 -7.50 -7.92 15.37
C ALA A 25 -8.37 -6.73 15.64
N TRP A 26 -9.34 -6.85 16.58
CA TRP A 26 -10.23 -5.73 16.89
C TRP A 26 -9.43 -4.42 17.19
N ALA A 27 -8.29 -4.55 17.87
CA ALA A 27 -7.48 -3.37 18.20
C ALA A 27 -6.79 -2.76 16.94
N PHE A 28 -6.31 -3.64 16.02
CA PHE A 28 -5.66 -3.17 14.79
C PHE A 28 -6.72 -2.50 13.87
N SER A 29 -7.92 -3.06 13.87
CA SER A 29 -8.96 -2.47 13.04
C SER A 29 -9.22 -1.04 13.59
N ALA A 30 -9.36 -0.97 14.94
CA ALA A 30 -9.62 0.33 15.62
C ALA A 30 -8.54 1.33 15.36
N THR A 31 -7.27 0.97 15.56
CA THR A 31 -6.21 1.96 15.29
C THR A 31 -6.21 2.36 13.82
N GLY A 32 -6.41 1.39 12.90
CA GLY A 32 -6.39 1.75 11.45
C GLY A 32 -7.48 2.82 11.24
N ALA A 33 -8.69 2.62 11.79
CA ALA A 33 -9.70 3.65 11.55
C ALA A 33 -9.36 4.98 12.20
N LEU A 34 -8.78 4.94 13.40
CA LEU A 34 -8.42 6.21 14.06
C LEU A 34 -7.24 6.88 13.33
N GLU A 35 -6.34 6.07 12.80
CA GLU A 35 -5.21 6.59 12.08
C GLU A 35 -5.68 7.43 10.86
N GLY A 36 -6.72 6.93 10.19
CA GLY A 36 -7.26 7.64 9.03
C GLY A 36 -8.00 8.90 9.45
N GLN A 37 -8.74 8.83 10.56
CA GLN A 37 -9.47 10.04 10.97
C GLN A 37 -8.52 11.10 11.47
N MET A 38 -7.48 10.70 12.21
CA MET A 38 -6.50 11.69 12.74
C MET A 38 -5.82 12.32 11.49
N PHE A 39 -5.49 11.46 10.50
CA PHE A 39 -4.86 11.96 9.26
C PHE A 39 -5.75 13.02 8.58
N ARG A 40 -7.03 12.73 8.49
CA ARG A 40 -7.96 13.63 7.86
C ARG A 40 -8.04 14.97 8.64
N LYS A 41 -8.04 14.88 9.98
CA LYS A 41 -8.10 16.08 10.81
C LYS A 41 -6.83 16.95 10.84
N THR A 42 -5.66 16.32 10.86
CA THR A 42 -4.37 17.02 10.92
C THR A 42 -3.38 16.94 9.80
N GLY A 43 -3.56 16.04 8.83
CA GLY A 43 -2.61 15.95 7.73
C GLY A 43 -1.36 15.17 8.14
N LYS A 44 -1.38 14.62 9.38
CA LYS A 44 -0.24 13.85 9.86
C LYS A 44 -0.63 12.38 10.04
N LEU A 45 0.14 11.47 9.45
CA LEU A 45 -0.16 10.05 9.59
C LEU A 45 0.73 9.51 10.71
N VAL A 46 0.12 9.09 11.84
CA VAL A 46 0.92 8.58 12.96
C VAL A 46 0.38 7.19 13.39
N SER A 47 1.27 6.21 13.46
CA SER A 47 0.90 4.85 13.86
C SER A 47 0.44 4.84 15.33
N LEU A 48 -0.73 4.30 15.60
CA LEU A 48 -1.25 4.25 16.95
C LEU A 48 -1.02 2.93 17.65
N SER A 49 -1.12 2.96 18.96
CA SER A 49 -0.92 1.76 19.78
C SER A 49 -2.00 0.79 20.00
N GLU A 50 -1.86 -0.39 19.37
CA GLU A 50 -2.87 -1.42 19.56
C GLU A 50 -2.62 -1.98 21.03
N GLN A 51 -1.36 -1.95 21.50
CA GLN A 51 -1.06 -2.46 22.86
C GLN A 51 -1.80 -1.66 23.96
N ASN A 52 -1.95 -0.37 23.70
CA ASN A 52 -2.63 0.55 24.61
C ASN A 52 -4.05 0.03 24.72
N LEU A 53 -4.63 -0.32 23.57
CA LEU A 53 -5.98 -0.83 23.59
C LEU A 53 -6.10 -2.19 24.28
N VAL A 54 -5.18 -3.10 23.96
CA VAL A 54 -5.20 -4.42 24.55
C VAL A 54 -5.10 -4.36 26.10
N ASP A 55 -4.12 -3.62 26.58
CA ASP A 55 -3.97 -3.54 28.01
C ASP A 55 -4.85 -2.67 28.83
N CYS A 56 -5.45 -1.66 28.22
CA CYS A 56 -6.30 -0.74 28.94
C CYS A 56 -7.76 -0.70 28.76
N SER A 57 -8.34 -1.38 27.75
CA SER A 57 -9.77 -1.30 27.57
C SER A 57 -10.68 -2.39 28.10
N ARG A 58 -10.23 -3.13 29.12
CA ARG A 58 -11.10 -4.18 29.66
C ARG A 58 -12.33 -3.53 30.29
N PRO A 59 -12.21 -2.35 30.92
CA PRO A 59 -13.43 -1.76 31.53
C PRO A 59 -14.56 -1.53 30.51
N GLN A 60 -14.17 -1.26 29.23
CA GLN A 60 -15.15 -1.02 28.19
C GLN A 60 -15.70 -2.29 27.65
N GLY A 61 -15.21 -3.43 28.13
CA GLY A 61 -15.70 -4.69 27.68
C GLY A 61 -14.79 -5.43 26.70
N ASN A 62 -13.52 -5.01 26.52
CA ASN A 62 -12.65 -5.74 25.61
C ASN A 62 -11.93 -6.81 26.46
N GLN A 63 -11.30 -7.80 25.81
CA GLN A 63 -10.59 -8.85 26.54
C GLN A 63 -9.14 -9.06 26.09
N GLY A 64 -8.49 -7.96 25.77
CA GLY A 64 -7.11 -7.99 25.32
C GLY A 64 -6.82 -8.97 24.21
N CYS A 65 -5.90 -9.94 24.49
CA CYS A 65 -5.54 -10.94 23.51
C CYS A 65 -6.60 -12.03 23.36
N ASN A 66 -7.73 -11.92 24.09
CA ASN A 66 -8.77 -12.94 23.93
C ASN A 66 -9.98 -12.38 23.19
N GLY A 67 -9.78 -11.28 22.46
CA GLY A 67 -10.89 -10.71 21.72
C GLY A 67 -11.38 -9.36 22.20
N GLY A 68 -12.20 -8.74 21.37
CA GLY A 68 -12.73 -7.42 21.70
C GLY A 68 -13.54 -6.91 20.52
N PHE A 69 -13.95 -5.63 20.60
CA PHE A 69 -14.76 -4.97 19.59
C PHE A 69 -14.28 -3.55 19.32
N MET A 70 -14.25 -3.20 18.04
CA MET A 70 -13.81 -1.86 17.64
C MET A 70 -14.64 -0.77 18.32
N ALA A 71 -15.99 -0.97 18.39
CA ALA A 71 -16.76 0.12 19.01
C ALA A 71 -16.33 0.29 20.47
N ARG A 72 -16.05 -0.83 21.15
CA ARG A 72 -15.60 -0.72 22.54
C ARG A 72 -14.25 -0.02 22.61
N ALA A 73 -13.37 -0.20 21.59
CA ALA A 73 -12.07 0.54 21.65
C ALA A 73 -12.30 2.05 21.46
N PHE A 74 -13.15 2.42 20.47
CA PHE A 74 -13.39 3.85 20.27
C PHE A 74 -14.01 4.46 21.58
N GLN A 75 -14.83 3.67 22.27
CA GLN A 75 -15.45 4.14 23.50
C GLN A 75 -14.34 4.33 24.52
N TYR A 76 -13.36 3.41 24.55
CA TYR A 76 -12.26 3.53 25.48
C TYR A 76 -11.51 4.81 25.18
N VAL A 77 -11.22 5.07 23.87
CA VAL A 77 -10.46 6.30 23.56
C VAL A 77 -11.22 7.55 24.01
N LYS A 78 -12.51 7.51 23.86
CA LYS A 78 -13.35 8.63 24.24
C LYS A 78 -13.30 8.84 25.79
N GLU A 79 -13.64 7.79 26.56
CA GLU A 79 -13.65 7.86 28.02
C GLU A 79 -12.30 8.18 28.60
N ASN A 80 -11.29 7.62 27.97
CA ASN A 80 -9.93 7.80 28.37
C ASN A 80 -9.30 9.15 28.02
N GLY A 81 -9.87 9.82 27.02
CA GLY A 81 -9.34 11.11 26.59
C GLY A 81 -8.10 11.09 25.71
N GLY A 82 -7.70 9.91 25.21
CA GLY A 82 -6.52 9.87 24.39
C GLY A 82 -6.10 8.41 24.05
N LEU A 83 -5.07 8.33 23.19
CA LEU A 83 -4.51 7.04 22.76
C LEU A 83 -3.09 7.34 22.39
N ASP A 84 -2.16 6.53 22.89
CA ASP A 84 -0.78 6.78 22.57
C ASP A 84 -0.33 6.21 21.22
N SER A 85 0.82 6.71 20.79
CA SER A 85 1.44 6.31 19.52
C SER A 85 2.08 4.94 19.66
N GLU A 86 2.15 4.21 18.52
CA GLU A 86 2.75 2.90 18.45
C GLU A 86 4.21 3.02 18.97
N GLU A 87 4.89 4.11 18.54
CA GLU A 87 6.27 4.34 18.95
C GLU A 87 6.46 4.44 20.45
N SER A 88 5.52 5.09 21.11
CA SER A 88 5.57 5.27 22.56
C SER A 88 5.06 4.10 23.40
N TYR A 89 4.16 3.29 22.85
CA TYR A 89 3.59 2.16 23.57
C TYR A 89 3.61 1.00 22.55
N PRO A 90 4.77 0.38 22.41
CA PRO A 90 4.92 -0.71 21.42
C PRO A 90 4.13 -1.97 21.57
N TYR A 91 3.91 -2.65 20.42
CA TYR A 91 3.15 -3.89 20.40
C TYR A 91 3.95 -5.11 20.80
N VAL A 92 3.49 -5.89 21.81
CA VAL A 92 4.22 -7.09 22.26
C VAL A 92 3.40 -8.34 22.12
N ALA A 93 2.16 -8.21 21.67
CA ALA A 93 1.31 -9.38 21.49
C ALA A 93 0.92 -10.25 22.66
N VAL A 94 0.88 -9.65 23.83
CA VAL A 94 0.49 -10.39 25.01
C VAL A 94 -0.24 -9.41 25.93
N ASP A 95 -1.18 -9.89 26.75
CA ASP A 95 -1.88 -8.97 27.64
C ASP A 95 -0.93 -8.43 28.69
N GLU A 96 -0.80 -7.12 28.82
CA GLU A 96 0.10 -6.55 29.81
C GLU A 96 -0.59 -5.47 30.64
N ILE A 97 0.19 -4.88 31.53
CA ILE A 97 -0.23 -3.81 32.44
C ILE A 97 -0.53 -2.54 31.66
N CYS A 98 -1.68 -1.92 31.94
CA CYS A 98 -2.01 -0.68 31.23
C CYS A 98 -0.99 0.41 31.57
N LYS A 99 -0.30 0.96 30.58
CA LYS A 99 0.68 1.99 30.81
C LYS A 99 0.35 3.24 29.99
N TYR A 100 -0.93 3.49 29.82
CA TYR A 100 -1.32 4.66 29.03
C TYR A 100 -0.70 5.93 29.65
N ARG A 101 -0.05 6.77 28.82
CA ARG A 101 0.56 8.00 29.30
C ARG A 101 -0.15 9.17 28.56
N PRO A 102 -0.87 10.04 29.23
CA PRO A 102 -1.52 11.15 28.49
C PRO A 102 -0.54 12.00 27.66
N GLU A 103 0.71 12.11 28.13
CA GLU A 103 1.71 12.91 27.44
C GLU A 103 2.10 12.33 26.10
N ASN A 104 1.86 11.04 25.88
CA ASN A 104 2.22 10.51 24.59
C ASN A 104 1.02 10.33 23.70
N SER A 105 -0.11 10.89 24.11
CA SER A 105 -1.29 10.72 23.28
C SER A 105 -1.19 11.46 21.97
N VAL A 106 -1.58 10.79 20.85
CA VAL A 106 -1.50 11.49 19.56
C VAL A 106 -2.89 11.36 18.87
N ALA A 107 -3.91 10.88 19.61
CA ALA A 107 -5.23 10.72 19.03
C ALA A 107 -6.34 10.82 20.05
N GLN A 108 -7.54 11.21 19.57
CA GLN A 108 -8.69 11.33 20.46
C GLN A 108 -9.96 11.21 19.63
N ASP A 109 -11.02 10.80 20.27
CA ASP A 109 -12.30 10.67 19.60
C ASP A 109 -13.38 11.09 20.59
N THR A 110 -14.56 11.49 20.09
CA THR A 110 -15.66 11.91 20.97
C THR A 110 -16.72 10.82 20.95
N GLY A 111 -16.34 9.67 20.41
CA GLY A 111 -17.27 8.55 20.33
C GLY A 111 -17.14 7.96 18.94
N PHE A 112 -18.18 7.29 18.45
CA PHE A 112 -18.08 6.69 17.11
C PHE A 112 -19.43 6.67 16.43
N THR A 113 -19.42 6.39 15.13
CA THR A 113 -20.64 6.32 14.36
C THR A 113 -20.75 4.91 13.82
N VAL A 114 -21.97 4.42 13.86
CA VAL A 114 -22.23 3.07 13.37
C VAL A 114 -22.86 3.11 11.98
N VAL A 115 -22.39 2.23 11.09
CA VAL A 115 -22.92 2.16 9.74
C VAL A 115 -24.18 1.26 9.83
N ALA A 116 -25.28 1.72 9.26
CA ALA A 116 -26.52 0.94 9.29
C ALA A 116 -26.28 -0.55 8.95
N PRO A 117 -26.48 -1.42 9.94
CA PRO A 117 -26.27 -2.87 9.80
C PRO A 117 -26.76 -3.63 8.57
N GLY A 118 -25.83 -4.41 7.99
CA GLY A 118 -26.12 -5.20 6.81
C GLY A 118 -26.26 -4.37 5.57
N LYS A 119 -26.05 -3.04 5.69
CA LYS A 119 -26.19 -2.26 4.48
C LYS A 119 -24.92 -1.95 3.69
N GLU A 120 -24.63 -2.75 2.66
CA GLU A 120 -23.42 -2.52 1.85
C GLU A 120 -23.44 -1.14 1.18
N LYS A 121 -24.65 -0.66 0.82
CA LYS A 121 -24.73 0.64 0.18
C LYS A 121 -24.35 1.74 1.24
N ALA A 122 -24.73 1.49 2.50
CA ALA A 122 -24.42 2.43 3.59
C ALA A 122 -22.90 2.45 3.89
N LEU A 123 -22.31 1.27 3.89
CA LEU A 123 -20.89 1.15 4.15
C LEU A 123 -20.17 1.85 2.97
N MET A 124 -20.67 1.65 1.76
CA MET A 124 -20.02 2.30 0.63
C MET A 124 -20.02 3.84 0.83
N LYS A 125 -21.16 4.34 1.30
CA LYS A 125 -21.24 5.76 1.50
C LYS A 125 -20.27 6.19 2.64
N ALA A 126 -20.17 5.40 3.72
CA ALA A 126 -19.25 5.78 4.80
C ALA A 126 -17.78 5.80 4.28
N VAL A 127 -17.40 4.73 3.55
CA VAL A 127 -16.03 4.63 2.99
C VAL A 127 -15.77 5.85 2.08
N ALA A 128 -16.71 6.15 1.19
CA ALA A 128 -16.46 7.30 0.32
C ALA A 128 -16.37 8.68 0.96
N THR A 129 -17.16 8.89 1.98
CA THR A 129 -17.15 10.19 2.60
C THR A 129 -16.31 10.44 3.84
N VAL A 130 -16.01 9.39 4.59
CA VAL A 130 -15.24 9.53 5.82
C VAL A 130 -13.80 9.15 5.80
N GLY A 131 -13.50 7.96 5.26
CA GLY A 131 -12.14 7.47 5.20
C GLY A 131 -12.25 5.97 5.55
N PRO A 132 -11.13 5.32 5.90
CA PRO A 132 -11.17 3.88 6.24
C PRO A 132 -12.19 3.56 7.36
N ILE A 133 -12.91 2.46 7.22
CA ILE A 133 -13.92 2.08 8.21
C ILE A 133 -13.60 0.75 8.86
N SER A 134 -13.82 0.65 10.18
CA SER A 134 -13.55 -0.62 10.87
C SER A 134 -14.71 -1.55 10.60
N VAL A 135 -14.46 -2.82 10.32
CA VAL A 135 -15.57 -3.75 10.07
C VAL A 135 -15.22 -5.10 10.64
N ALA A 136 -16.24 -5.92 10.92
CA ALA A 136 -16.01 -7.25 11.45
C ALA A 136 -16.30 -8.16 10.22
N MET A 137 -15.73 -9.36 10.20
CA MET A 137 -15.95 -10.28 9.11
C MET A 137 -15.74 -11.69 9.63
N ASP A 138 -16.16 -12.66 8.83
CA ASP A 138 -16.04 -14.07 9.14
C ASP A 138 -14.79 -14.47 8.34
N ALA A 139 -13.65 -14.57 9.03
CA ALA A 139 -12.38 -14.91 8.42
C ALA A 139 -11.96 -16.32 8.75
N GLY A 140 -12.77 -17.11 9.49
CA GLY A 140 -12.39 -18.49 9.86
C GLY A 140 -12.45 -19.51 8.75
N HIS A 141 -11.66 -19.30 7.70
CA HIS A 141 -11.65 -20.25 6.58
C HIS A 141 -10.25 -20.45 6.00
N SER A 142 -9.93 -21.68 5.57
CA SER A 142 -8.61 -21.94 5.01
C SER A 142 -8.42 -21.13 3.76
N SER A 143 -9.51 -20.91 3.00
CA SER A 143 -9.41 -20.14 1.77
C SER A 143 -8.95 -18.72 2.06
N PHE A 144 -9.37 -18.15 3.24
CA PHE A 144 -8.99 -16.79 3.65
C PHE A 144 -7.49 -16.88 4.11
N GLN A 145 -7.18 -17.90 4.88
CA GLN A 145 -5.81 -18.08 5.33
C GLN A 145 -4.81 -18.04 4.18
N PHE A 146 -5.16 -18.76 3.13
CA PHE A 146 -4.32 -18.85 1.93
C PHE A 146 -4.63 -17.91 0.79
N TYR A 147 -5.51 -16.91 1.02
CA TYR A 147 -5.81 -15.98 -0.05
C TYR A 147 -4.53 -15.33 -0.64
N LYS A 148 -4.53 -15.06 -1.94
CA LYS A 148 -3.35 -14.43 -2.50
C LYS A 148 -3.75 -13.40 -3.55
N SER A 149 -4.73 -13.77 -4.41
CA SER A 149 -5.16 -12.85 -5.44
C SER A 149 -6.60 -13.03 -5.80
N GLY A 150 -7.09 -12.06 -6.55
CA GLY A 150 -8.47 -12.08 -7.01
C GLY A 150 -9.50 -11.59 -6.01
N ILE A 151 -10.75 -11.64 -6.40
CA ILE A 151 -11.80 -11.20 -5.52
C ILE A 151 -12.17 -12.39 -4.65
N TYR A 152 -11.98 -12.26 -3.36
CA TYR A 152 -12.30 -13.33 -2.45
C TYR A 152 -13.79 -13.61 -2.31
N PHE A 153 -14.19 -14.88 -2.52
CA PHE A 153 -15.60 -15.27 -2.41
C PHE A 153 -15.53 -16.68 -1.86
N GLU A 154 -16.14 -16.90 -0.72
CA GLU A 154 -16.14 -18.21 -0.09
C GLU A 154 -17.56 -18.65 0.28
N PRO A 155 -18.06 -19.71 -0.36
CA PRO A 155 -19.41 -20.22 -0.03
C PRO A 155 -19.64 -20.44 1.49
N ASP A 156 -18.62 -20.88 2.26
CA ASP A 156 -18.89 -21.09 3.68
C ASP A 156 -18.89 -19.83 4.50
N CYS A 157 -18.69 -18.68 3.90
CA CYS A 157 -18.69 -17.45 4.67
C CYS A 157 -20.03 -17.10 5.26
N SER A 158 -20.02 -16.60 6.48
CA SER A 158 -21.25 -16.23 7.12
C SER A 158 -21.31 -14.70 7.17
N SER A 159 -22.52 -14.12 7.08
CA SER A 159 -22.71 -12.68 7.12
C SER A 159 -23.16 -12.35 8.56
N LYS A 160 -23.36 -13.39 9.41
CA LYS A 160 -23.80 -13.17 10.79
C LYS A 160 -22.89 -13.59 11.90
N ASN A 161 -22.22 -14.74 11.77
CA ASN A 161 -21.33 -15.16 12.85
C ASN A 161 -19.94 -14.77 12.40
N LEU A 162 -19.48 -13.65 12.95
CA LEU A 162 -18.16 -13.08 12.63
C LEU A 162 -17.07 -13.31 13.69
N ASP A 163 -15.82 -13.31 13.26
CA ASP A 163 -14.78 -13.54 14.24
C ASP A 163 -13.51 -12.76 13.99
N HIS A 164 -13.58 -11.69 13.20
CA HIS A 164 -12.33 -10.98 12.97
C HIS A 164 -12.60 -9.54 12.63
N GLY A 165 -11.75 -8.63 13.13
CA GLY A 165 -11.91 -7.20 12.87
C GLY A 165 -10.87 -6.83 11.82
N VAL A 166 -11.25 -6.05 10.77
CA VAL A 166 -10.36 -5.64 9.70
C VAL A 166 -10.70 -4.18 9.33
N LEU A 167 -10.01 -3.64 8.36
CA LEU A 167 -10.25 -2.28 7.94
C LEU A 167 -10.53 -2.14 6.45
N VAL A 168 -11.67 -1.53 6.13
CA VAL A 168 -12.03 -1.34 4.72
C VAL A 168 -11.39 0.02 4.36
N VAL A 169 -10.43 -0.04 3.45
CA VAL A 169 -9.73 1.17 3.02
C VAL A 169 -10.22 1.72 1.70
N GLY A 170 -11.21 1.07 1.09
CA GLY A 170 -11.71 1.57 -0.17
C GLY A 170 -12.53 0.49 -0.84
N TYR A 171 -12.87 0.73 -2.08
CA TYR A 171 -13.64 -0.25 -2.84
C TYR A 171 -13.35 -0.01 -4.33
N GLY A 172 -13.58 -1.04 -5.15
CA GLY A 172 -13.31 -0.89 -6.56
C GLY A 172 -14.04 -1.94 -7.40
N PHE A 173 -13.57 -2.12 -8.59
CA PHE A 173 -14.21 -3.08 -9.48
C PHE A 173 -13.19 -3.52 -10.54
N GLU A 174 -13.37 -4.73 -11.06
CA GLU A 174 -12.46 -5.20 -12.07
C GLU A 174 -13.12 -4.89 -13.40
N GLY A 175 -12.34 -4.68 -14.45
CA GLY A 175 -12.93 -4.39 -15.76
C GLY A 175 -13.33 -2.95 -15.96
N ALA A 176 -14.17 -2.70 -16.98
CA ALA A 176 -14.64 -1.36 -17.30
C ALA A 176 -15.98 -1.02 -16.75
N ASN A 177 -16.79 -2.01 -16.47
CA ASN A 177 -18.09 -1.71 -15.93
C ASN A 177 -17.90 -1.54 -14.46
N SER A 178 -18.17 -0.36 -13.95
CA SER A 178 -18.01 -0.11 -12.53
C SER A 178 -19.13 -0.76 -11.74
N GLN A 179 -20.08 -1.38 -12.45
CA GLN A 179 -21.22 -2.01 -11.81
C GLN A 179 -21.20 -3.48 -11.57
N ASN A 180 -20.07 -4.15 -11.83
CA ASN A 180 -20.04 -5.57 -11.60
C ASN A 180 -18.64 -5.95 -11.23
N SER A 181 -18.48 -7.14 -10.66
CA SER A 181 -17.18 -7.68 -10.21
C SER A 181 -16.54 -6.58 -9.30
N LYS A 182 -17.33 -6.13 -8.37
CA LYS A 182 -16.97 -5.11 -7.41
C LYS A 182 -16.29 -5.78 -6.20
N TYR A 183 -15.56 -5.00 -5.42
CA TYR A 183 -14.90 -5.59 -4.26
C TYR A 183 -14.57 -4.52 -3.25
N TRP A 184 -14.38 -4.95 -2.01
CA TRP A 184 -14.03 -4.09 -0.89
C TRP A 184 -12.51 -4.22 -0.77
N LEU A 185 -11.75 -3.13 -0.51
CA LEU A 185 -10.29 -3.30 -0.37
C LEU A 185 -10.21 -3.37 1.17
N VAL A 186 -9.63 -4.45 1.70
CA VAL A 186 -9.51 -4.66 3.12
C VAL A 186 -8.10 -4.88 3.62
N LYS A 187 -7.75 -4.14 4.64
CA LYS A 187 -6.41 -4.28 5.22
C LYS A 187 -6.55 -5.25 6.38
N ASN A 188 -5.69 -6.30 6.39
CA ASN A 188 -5.68 -7.32 7.43
C ASN A 188 -4.54 -6.95 8.44
N SER A 189 -4.41 -7.70 9.54
CA SER A 189 -3.36 -7.42 10.52
C SER A 189 -2.55 -8.71 10.72
N TRP A 190 -2.30 -9.42 9.63
CA TRP A 190 -1.53 -10.68 9.75
C TRP A 190 -0.18 -10.49 9.05
N GLY A 191 0.28 -9.26 9.01
CA GLY A 191 1.56 -9.00 8.37
C GLY A 191 1.47 -8.78 6.87
N PRO A 192 2.47 -8.12 6.31
CA PRO A 192 2.42 -7.86 4.86
C PRO A 192 2.65 -9.11 3.99
N GLU A 193 3.09 -10.18 4.62
CA GLU A 193 3.36 -11.45 3.99
C GLU A 193 2.05 -12.22 3.65
N TRP A 194 1.01 -12.04 4.46
CA TRP A 194 -0.25 -12.72 4.21
C TRP A 194 -0.97 -12.04 3.06
N GLY A 195 -1.79 -12.77 2.31
CA GLY A 195 -2.49 -12.16 1.22
C GLY A 195 -1.67 -11.42 0.21
N SER A 196 -2.23 -10.29 -0.27
CA SER A 196 -1.62 -9.43 -1.25
C SER A 196 -1.02 -8.18 -0.55
N ASN A 197 0.22 -8.32 -0.08
CA ASN A 197 0.85 -7.21 0.61
C ASN A 197 0.08 -6.89 1.93
N GLY A 198 -0.63 -7.88 2.43
CA GLY A 198 -1.38 -7.68 3.69
C GLY A 198 -2.85 -7.38 3.49
N TYR A 199 -3.25 -7.22 2.22
CA TYR A 199 -4.62 -6.91 1.86
C TYR A 199 -5.36 -8.04 1.16
N VAL A 200 -6.68 -7.85 1.04
CA VAL A 200 -7.52 -8.82 0.39
C VAL A 200 -8.68 -8.04 -0.27
N LYS A 201 -9.13 -8.53 -1.42
CA LYS A 201 -10.21 -7.88 -2.05
C LYS A 201 -11.39 -8.79 -1.69
N ILE A 202 -12.42 -8.26 -1.09
CA ILE A 202 -13.54 -9.08 -0.73
C ILE A 202 -14.77 -8.73 -1.63
N ALA A 203 -15.44 -9.79 -2.16
CA ALA A 203 -16.60 -9.61 -3.02
C ALA A 203 -17.54 -8.56 -2.46
N LYS A 204 -17.88 -7.57 -3.28
CA LYS A 204 -18.78 -6.49 -2.87
C LYS A 204 -20.11 -6.60 -3.62
N ASP A 205 -21.20 -6.30 -2.91
CA ASP A 205 -22.56 -6.34 -3.42
C ASP A 205 -22.92 -7.78 -3.86
N LYS A 206 -22.50 -8.75 -3.03
CA LYS A 206 -22.74 -10.19 -3.23
C LYS A 206 -23.34 -10.59 -1.87
N ASN A 207 -24.43 -9.92 -1.52
CA ASN A 207 -25.14 -10.14 -0.28
C ASN A 207 -24.36 -10.03 1.02
N ASN A 208 -23.65 -8.90 1.20
CA ASN A 208 -22.88 -8.67 2.41
C ASN A 208 -21.97 -9.88 2.67
N HIS A 209 -21.15 -10.21 1.65
CA HIS A 209 -20.26 -11.34 1.78
C HIS A 209 -19.33 -11.29 2.99
N CYS A 210 -19.28 -12.39 3.77
CA CYS A 210 -18.47 -12.52 4.97
C CYS A 210 -18.86 -11.52 6.06
N GLY A 211 -20.03 -10.88 5.91
CA GLY A 211 -20.49 -9.90 6.91
C GLY A 211 -19.81 -8.56 7.02
N ILE A 212 -19.10 -8.16 5.97
CA ILE A 212 -18.38 -6.87 5.95
C ILE A 212 -19.19 -5.67 6.37
N ALA A 213 -20.49 -5.64 6.03
CA ALA A 213 -21.28 -4.47 6.45
C ALA A 213 -22.20 -4.75 7.64
N THR A 214 -22.00 -5.87 8.31
CA THR A 214 -22.80 -6.25 9.47
C THR A 214 -22.52 -5.43 10.69
N ALA A 215 -21.25 -5.11 10.96
CA ALA A 215 -20.98 -4.31 12.15
C ALA A 215 -19.81 -3.37 11.88
N ALA A 216 -20.09 -2.40 11.04
CA ALA A 216 -19.11 -1.40 10.66
C ALA A 216 -19.24 -0.16 11.47
N SER A 217 -18.11 0.50 11.75
CA SER A 217 -18.11 1.73 12.53
C SER A 217 -16.86 2.52 12.35
N TYR A 218 -16.89 3.83 12.74
CA TYR A 218 -15.70 4.66 12.61
C TYR A 218 -15.70 5.66 13.76
N PRO A 219 -14.53 6.06 14.21
CA PRO A 219 -14.45 7.04 15.33
C PRO A 219 -14.76 8.47 14.89
N ASN A 220 -15.31 9.28 15.81
CA ASN A 220 -15.61 10.65 15.46
C ASN A 220 -14.48 11.49 16.05
N VAL A 221 -13.73 12.21 15.19
CA VAL A 221 -12.64 13.02 15.68
C VAL A 221 -12.88 14.52 15.69
N LEU B 1 26.19 -0.58 5.81
CA LEU B 1 24.84 -0.64 5.26
C LEU B 1 23.99 -1.77 5.84
N PRO B 2 22.69 -1.55 6.11
CA PRO B 2 21.90 -2.65 6.65
C PRO B 2 21.80 -3.88 5.75
N LYS B 3 21.58 -5.03 6.37
CA LYS B 3 21.47 -6.31 5.68
C LYS B 3 20.20 -6.44 4.85
N SER B 4 19.22 -5.61 5.17
CA SER B 4 17.96 -5.67 4.42
C SER B 4 17.25 -4.34 4.54
N VAL B 5 16.46 -3.99 3.53
CA VAL B 5 15.73 -2.74 3.53
C VAL B 5 14.40 -2.96 2.83
N ASP B 6 13.37 -2.30 3.33
CA ASP B 6 12.05 -2.40 2.78
C ASP B 6 11.33 -1.12 3.06
N TRP B 7 11.34 -0.20 2.09
CA TRP B 7 10.67 1.06 2.29
C TRP B 7 9.17 0.93 2.43
N ARG B 8 8.59 -0.23 2.07
CA ARG B 8 7.14 -0.36 2.23
C ARG B 8 6.76 -0.28 3.72
N LYS B 9 7.68 -0.81 4.55
CA LYS B 9 7.46 -0.81 5.99
C LYS B 9 7.49 0.55 6.61
N LYS B 10 8.00 1.51 5.87
CA LYS B 10 8.11 2.89 6.34
C LYS B 10 7.13 3.93 5.82
N GLY B 11 6.18 3.53 4.96
CA GLY B 11 5.20 4.46 4.43
C GLY B 11 5.54 5.18 3.14
N TYR B 12 6.60 4.74 2.44
CA TYR B 12 7.06 5.37 1.18
C TYR B 12 6.43 4.87 -0.11
N VAL B 13 5.74 3.75 -0.04
CA VAL B 13 5.11 3.13 -1.19
C VAL B 13 3.63 2.94 -1.31
N THR B 14 3.09 3.37 -2.47
CA THR B 14 1.67 3.23 -2.70
C THR B 14 1.34 1.82 -3.08
N PRO B 15 0.06 1.51 -3.22
CA PRO B 15 -0.26 0.15 -3.59
C PRO B 15 0.25 -0.16 -5.01
N VAL B 16 0.26 -1.45 -5.37
CA VAL B 16 0.69 -1.93 -6.68
C VAL B 16 -0.37 -1.46 -7.69
N LYS B 17 0.10 -0.83 -8.76
CA LYS B 17 -0.77 -0.34 -9.80
C LYS B 17 -0.74 -1.24 -11.03
N ASN B 18 -1.55 -0.91 -12.05
CA ASN B 18 -1.58 -1.74 -13.26
C ASN B 18 -1.62 -0.89 -14.52
N GLN B 19 -0.54 -0.94 -15.26
CA GLN B 19 -0.44 -0.17 -16.49
C GLN B 19 -1.38 -0.70 -17.58
N LYS B 20 -1.84 -1.94 -17.44
CA LYS B 20 -2.73 -2.51 -18.43
C LYS B 20 -2.11 -2.53 -19.85
N GLN B 21 -2.95 -2.43 -20.88
CA GLN B 21 -2.39 -2.48 -22.24
C GLN B 21 -1.83 -1.19 -22.80
N CYS B 22 -0.78 -0.67 -22.15
CA CYS B 22 -0.13 0.57 -22.56
C CYS B 22 1.31 0.43 -22.11
N GLY B 23 2.32 0.75 -22.98
CA GLY B 23 3.71 0.60 -22.55
C GLY B 23 4.12 1.84 -21.79
N SER B 24 3.51 2.01 -20.60
CA SER B 24 3.80 3.15 -19.77
C SER B 24 4.52 2.77 -18.45
N ALA B 25 5.25 1.64 -18.42
CA ALA B 25 5.91 1.31 -17.14
C ALA B 25 6.88 2.37 -16.68
N TRP B 26 7.44 3.14 -17.63
CA TRP B 26 8.38 4.18 -17.32
C TRP B 26 7.68 5.22 -16.43
N ALA B 27 6.35 5.50 -16.72
CA ALA B 27 5.62 6.47 -15.93
C ALA B 27 5.35 5.92 -14.51
N PHE B 28 5.03 4.61 -14.41
CA PHE B 28 4.77 4.00 -13.09
C PHE B 28 6.07 3.96 -12.29
N SER B 29 7.18 3.71 -12.96
CA SER B 29 8.45 3.67 -12.21
C SER B 29 8.78 5.06 -11.67
N ALA B 30 8.56 6.10 -12.51
CA ALA B 30 8.83 7.49 -12.13
C ALA B 30 7.88 7.92 -11.01
N THR B 31 6.53 7.68 -11.15
CA THR B 31 5.68 8.10 -10.02
C THR B 31 6.06 7.39 -8.74
N GLY B 32 6.40 6.08 -8.81
CA GLY B 32 6.77 5.35 -7.62
C GLY B 32 7.94 6.05 -6.89
N ALA B 33 8.98 6.40 -7.70
CA ALA B 33 10.15 7.09 -7.13
C ALA B 33 9.78 8.46 -6.53
N LEU B 34 8.98 9.20 -7.26
CA LEU B 34 8.58 10.50 -6.80
C LEU B 34 7.70 10.41 -5.56
N GLU B 35 6.86 9.35 -5.51
CA GLU B 35 5.99 9.15 -4.37
C GLU B 35 6.85 8.95 -3.13
N GLY B 36 7.93 8.14 -3.25
CA GLY B 36 8.79 7.91 -2.09
C GLY B 36 9.47 9.21 -1.63
N GLN B 37 9.92 10.01 -2.60
CA GLN B 37 10.61 11.27 -2.26
C GLN B 37 9.70 12.34 -1.66
N MET B 38 8.48 12.46 -2.20
CA MET B 38 7.57 13.46 -1.68
C MET B 38 7.21 13.00 -0.27
N PHE B 39 7.11 11.67 -0.07
CA PHE B 39 6.79 11.18 1.27
C PHE B 39 7.86 11.61 2.26
N ARG B 40 9.13 11.36 1.92
CA ARG B 40 10.24 11.71 2.78
C ARG B 40 10.23 13.20 3.14
N LYS B 41 9.94 14.00 2.12
CA LYS B 41 9.90 15.44 2.30
C LYS B 41 8.69 15.99 3.07
N THR B 42 7.52 15.35 2.98
CA THR B 42 6.36 15.88 3.68
C THR B 42 5.58 15.01 4.68
N GLY B 43 5.85 13.75 4.67
CA GLY B 43 5.17 12.82 5.57
C GLY B 43 3.83 12.40 5.01
N LYS B 44 3.52 12.87 3.78
CA LYS B 44 2.26 12.52 3.13
C LYS B 44 2.45 11.63 1.92
N LEU B 45 1.88 10.43 1.95
CA LEU B 45 2.01 9.50 0.83
C LEU B 45 0.83 9.74 -0.07
N VAL B 46 1.09 10.33 -1.25
CA VAL B 46 0.03 10.63 -2.21
C VAL B 46 0.34 10.05 -3.59
N SER B 47 -0.54 9.20 -4.09
CA SER B 47 -0.36 8.58 -5.39
C SER B 47 -0.36 9.68 -6.48
N LEU B 48 0.65 9.59 -7.40
CA LEU B 48 0.83 10.53 -8.50
C LEU B 48 0.24 10.04 -9.81
N SER B 49 0.03 10.97 -10.72
CA SER B 49 -0.54 10.67 -11.99
C SER B 49 0.29 10.15 -13.14
N GLU B 50 0.19 8.85 -13.43
CA GLU B 50 0.96 8.29 -14.53
C GLU B 50 0.30 8.84 -15.82
N GLN B 51 -1.04 9.07 -15.77
CA GLN B 51 -1.67 9.59 -16.99
C GLN B 51 -1.13 10.93 -17.36
N ASN B 52 -0.90 11.78 -16.36
CA ASN B 52 -0.38 13.14 -16.54
C ASN B 52 0.94 12.95 -17.31
N LEU B 53 1.79 11.99 -16.84
CA LEU B 53 3.08 11.74 -17.52
C LEU B 53 2.88 11.23 -18.98
N VAL B 54 2.00 10.22 -19.18
CA VAL B 54 1.74 9.66 -20.52
C VAL B 54 1.26 10.73 -21.50
N ASP B 55 0.24 11.49 -21.10
CA ASP B 55 -0.23 12.51 -22.04
C ASP B 55 0.50 13.79 -22.21
N CYS B 56 1.34 14.16 -21.24
CA CYS B 56 2.09 15.43 -21.29
C CYS B 56 3.57 15.46 -21.49
N SER B 57 4.29 14.35 -21.44
CA SER B 57 5.71 14.49 -21.62
C SER B 57 6.36 14.17 -22.92
N ARG B 58 5.61 14.37 -24.00
CA ARG B 58 6.19 14.08 -25.29
C ARG B 58 7.28 15.20 -25.58
N PRO B 59 7.15 16.45 -25.09
CA PRO B 59 8.21 17.41 -25.39
C PRO B 59 9.54 16.98 -24.86
N GLN B 60 9.54 16.31 -23.68
CA GLN B 60 10.73 15.82 -23.03
C GLN B 60 11.27 14.53 -23.66
N GLY B 61 10.57 13.99 -24.66
CA GLY B 61 11.04 12.77 -25.29
C GLY B 61 10.37 11.46 -24.94
N ASN B 62 9.21 11.49 -24.25
CA ASN B 62 8.54 10.24 -23.93
C ASN B 62 7.56 10.00 -25.02
N GLN B 63 7.09 8.76 -25.17
CA GLN B 63 6.16 8.42 -26.21
C GLN B 63 4.90 7.76 -25.69
N GLY B 64 4.45 8.26 -24.55
CA GLY B 64 3.22 7.74 -23.92
C GLY B 64 3.09 6.24 -23.83
N CYS B 65 2.02 5.67 -24.45
CA CYS B 65 1.84 4.22 -24.40
C CYS B 65 2.88 3.49 -25.29
N ASN B 66 3.74 4.24 -26.03
CA ASN B 66 4.74 3.58 -26.86
C ASN B 66 6.14 3.59 -26.20
N GLY B 67 6.20 3.82 -24.87
CA GLY B 67 7.47 3.84 -24.17
C GLY B 67 7.98 5.19 -23.79
N GLY B 68 9.02 5.16 -22.98
CA GLY B 68 9.62 6.38 -22.51
C GLY B 68 10.67 6.08 -21.47
N PHE B 69 11.09 7.10 -20.73
CA PHE B 69 12.13 6.91 -19.71
C PHE B 69 11.84 7.64 -18.45
N MET B 70 12.22 7.06 -17.29
CA MET B 70 11.98 7.71 -15.99
C MET B 70 12.71 9.05 -15.93
N ALA B 71 13.95 9.07 -16.43
CA ALA B 71 14.69 10.34 -16.39
C ALA B 71 13.91 11.44 -17.14
N ARG B 72 13.31 11.09 -18.28
CA ARG B 72 12.55 12.10 -19.02
C ARG B 72 11.32 12.56 -18.27
N ALA B 73 10.80 11.65 -17.47
CA ALA B 73 9.61 11.94 -16.64
C ALA B 73 9.98 12.99 -15.60
N PHE B 74 11.07 12.75 -14.90
CA PHE B 74 11.51 13.68 -13.87
C PHE B 74 11.82 15.04 -14.50
N GLN B 75 12.29 15.01 -15.77
CA GLN B 75 12.63 16.25 -16.48
C GLN B 75 11.37 17.01 -16.73
N TYR B 76 10.33 16.31 -17.20
CA TYR B 76 9.05 16.96 -17.46
C TYR B 76 8.51 17.60 -16.16
N VAL B 77 8.61 16.87 -15.02
CA VAL B 77 8.10 17.44 -13.78
C VAL B 77 8.83 18.74 -13.44
N LYS B 78 10.16 18.70 -13.58
CA LYS B 78 10.99 19.86 -13.31
C LYS B 78 10.55 21.04 -14.19
N GLU B 79 10.58 20.79 -15.49
CA GLU B 79 10.21 21.75 -16.52
C GLU B 79 8.78 22.31 -16.44
N ASN B 80 7.84 21.44 -16.05
CA ASN B 80 6.44 21.77 -15.92
C ASN B 80 6.07 22.48 -14.64
N GLY B 81 6.94 22.34 -13.64
CA GLY B 81 6.70 22.97 -12.34
C GLY B 81 5.74 22.19 -11.47
N GLY B 82 5.44 20.95 -11.86
CA GLY B 82 4.51 20.16 -11.07
C GLY B 82 4.03 18.88 -11.72
N LEU B 83 3.24 18.11 -10.98
CA LEU B 83 2.68 16.84 -11.45
C LEU B 83 1.41 16.60 -10.61
N ASP B 84 0.29 16.32 -11.27
CA ASP B 84 -0.96 16.09 -10.56
C ASP B 84 -1.11 14.77 -9.86
N SER B 85 -2.03 14.75 -8.89
CA SER B 85 -2.31 13.55 -8.12
C SER B 85 -3.08 12.60 -9.02
N GLU B 86 -3.04 11.30 -8.73
CA GLU B 86 -3.76 10.31 -9.52
C GLU B 86 -5.25 10.59 -9.34
N GLU B 87 -5.67 10.96 -8.12
CA GLU B 87 -7.08 11.25 -7.85
C GLU B 87 -7.63 12.33 -8.80
N SER B 88 -6.87 13.37 -9.04
CA SER B 88 -7.31 14.43 -9.93
C SER B 88 -7.11 14.13 -11.43
N TYR B 89 -6.21 13.19 -11.76
CA TYR B 89 -5.96 12.92 -13.16
C TYR B 89 -5.79 11.41 -13.25
N PRO B 90 -6.93 10.69 -13.29
CA PRO B 90 -6.88 9.21 -13.34
C PRO B 90 -6.28 8.54 -14.56
N TYR B 91 -5.82 7.33 -14.29
CA TYR B 91 -5.19 6.52 -15.32
C TYR B 91 -6.20 5.69 -16.16
N VAL B 92 -6.16 5.80 -17.51
CA VAL B 92 -7.06 5.06 -18.39
C VAL B 92 -6.31 4.13 -19.36
N ALA B 93 -4.96 4.09 -19.24
CA ALA B 93 -4.19 3.22 -20.10
C ALA B 93 -4.22 3.40 -21.60
N VAL B 94 -4.34 4.66 -22.02
CA VAL B 94 -4.38 5.03 -23.42
C VAL B 94 -3.75 6.36 -23.48
N ASP B 95 -3.20 6.65 -24.63
CA ASP B 95 -2.54 7.90 -24.92
C ASP B 95 -3.60 9.02 -25.17
N GLU B 96 -3.63 10.07 -24.33
CA GLU B 96 -4.62 11.12 -24.54
C GLU B 96 -4.06 12.51 -24.48
N ILE B 97 -4.94 13.52 -24.69
CA ILE B 97 -4.51 14.89 -24.68
C ILE B 97 -4.15 15.37 -23.26
N CYS B 98 -3.03 16.09 -23.14
CA CYS B 98 -2.57 16.61 -21.85
C CYS B 98 -3.62 17.47 -21.16
N LYS B 99 -3.97 17.14 -19.90
CA LYS B 99 -4.95 17.92 -19.19
C LYS B 99 -4.36 18.42 -17.85
N TYR B 100 -3.06 18.64 -17.83
CA TYR B 100 -2.39 19.12 -16.63
C TYR B 100 -2.93 20.41 -16.03
N ARG B 101 -3.18 20.39 -14.70
CA ARG B 101 -3.69 21.58 -14.05
C ARG B 101 -2.73 21.89 -12.87
N PRO B 102 -2.18 23.12 -12.83
CA PRO B 102 -1.27 23.53 -11.74
C PRO B 102 -1.93 23.40 -10.35
N GLU B 103 -3.22 23.75 -10.30
CA GLU B 103 -3.97 23.69 -9.04
C GLU B 103 -4.08 22.28 -8.46
N ASN B 104 -3.89 21.26 -9.31
CA ASN B 104 -3.96 19.88 -8.85
C ASN B 104 -2.61 19.24 -8.62
N SER B 105 -1.56 20.03 -8.74
CA SER B 105 -0.22 19.49 -8.54
C SER B 105 0.05 19.17 -7.06
N VAL B 106 0.79 18.08 -6.76
CA VAL B 106 1.10 17.70 -5.39
C VAL B 106 2.51 17.22 -5.34
N ALA B 107 3.27 17.45 -6.43
CA ALA B 107 4.66 17.04 -6.53
C ALA B 107 5.44 18.01 -7.46
N GLN B 108 6.78 18.08 -7.22
CA GLN B 108 7.77 18.88 -7.93
C GLN B 108 9.11 18.22 -7.71
N ASP B 109 10.06 18.41 -8.66
CA ASP B 109 11.41 17.87 -8.58
C ASP B 109 12.32 18.93 -9.26
N THR B 110 13.62 18.90 -9.01
CA THR B 110 14.52 19.89 -9.61
C THR B 110 15.43 19.19 -10.57
N GLY B 111 15.09 17.94 -10.89
CA GLY B 111 15.90 17.15 -11.79
C GLY B 111 15.99 15.77 -11.19
N PHE B 112 17.08 15.11 -11.47
CA PHE B 112 17.28 13.77 -10.93
C PHE B 112 18.74 13.40 -10.85
N THR B 113 19.00 12.36 -10.06
CA THR B 113 20.32 11.82 -9.83
C THR B 113 20.41 10.42 -10.41
N VAL B 114 21.52 10.12 -11.08
CA VAL B 114 21.76 8.82 -11.67
C VAL B 114 22.72 8.05 -10.80
N VAL B 115 22.39 6.78 -10.60
CA VAL B 115 23.23 5.89 -9.81
C VAL B 115 24.31 5.33 -10.75
N ALA B 116 25.54 5.21 -10.23
CA ALA B 116 26.65 4.69 -11.05
C ALA B 116 26.24 3.47 -11.83
N PRO B 117 26.37 3.60 -13.15
CA PRO B 117 26.00 2.49 -14.02
C PRO B 117 26.61 1.14 -13.78
N GLY B 118 25.72 0.16 -13.74
CA GLY B 118 26.11 -1.23 -13.52
C GLY B 118 26.65 -1.58 -12.16
N LYS B 119 26.66 -0.61 -11.23
CA LYS B 119 27.18 -0.90 -9.90
C LYS B 119 26.12 -1.33 -8.87
N GLU B 120 26.02 -2.63 -8.64
CA GLU B 120 25.04 -3.16 -7.68
C GLU B 120 25.25 -2.60 -6.27
N LYS B 121 26.52 -2.33 -5.93
CA LYS B 121 26.75 -1.80 -4.60
C LYS B 121 26.35 -0.35 -4.57
N ALA B 122 26.49 0.38 -5.70
CA ALA B 122 26.11 1.81 -5.78
C ALA B 122 24.55 1.87 -5.55
N LEU B 123 23.81 0.93 -6.19
CA LEU B 123 22.34 0.85 -6.08
C LEU B 123 21.98 0.51 -4.60
N MET B 124 22.69 -0.46 -4.02
CA MET B 124 22.45 -0.87 -2.62
C MET B 124 22.54 0.36 -1.74
N LYS B 125 23.59 1.19 -1.96
CA LYS B 125 23.77 2.39 -1.18
C LYS B 125 22.66 3.40 -1.41
N ALA B 126 22.23 3.56 -2.68
CA ALA B 126 21.17 4.51 -2.94
C ALA B 126 19.85 4.08 -2.26
N VAL B 127 19.52 2.83 -2.44
CA VAL B 127 18.30 2.26 -1.85
C VAL B 127 18.24 2.53 -0.34
N ALA B 128 19.31 2.15 0.31
CA ALA B 128 19.43 2.32 1.73
C ALA B 128 19.40 3.73 2.26
N THR B 129 19.87 4.70 1.49
CA THR B 129 19.85 6.05 2.03
C THR B 129 18.90 7.04 1.43
N VAL B 130 18.34 6.75 0.24
CA VAL B 130 17.43 7.67 -0.39
C VAL B 130 15.95 7.32 -0.31
N GLY B 131 15.68 6.06 -0.58
CA GLY B 131 14.33 5.55 -0.56
C GLY B 131 14.17 4.73 -1.83
N PRO B 132 12.91 4.56 -2.29
CA PRO B 132 12.69 3.76 -3.52
C PRO B 132 13.45 4.36 -4.74
N ILE B 133 14.01 3.50 -5.60
CA ILE B 133 14.75 3.99 -6.76
C ILE B 133 14.22 3.46 -8.09
N SER B 134 14.03 4.34 -9.07
CA SER B 134 13.56 3.83 -10.35
C SER B 134 14.67 3.11 -11.10
N VAL B 135 14.37 1.96 -11.73
CA VAL B 135 15.36 1.22 -12.46
C VAL B 135 14.71 0.61 -13.72
N ALA B 136 15.55 0.24 -14.67
CA ALA B 136 15.09 -0.35 -15.91
C ALA B 136 15.62 -1.79 -15.84
N MET B 137 14.92 -2.78 -16.44
CA MET B 137 15.41 -4.14 -16.39
C MET B 137 14.99 -4.80 -17.69
N ASP B 138 15.52 -6.01 -17.93
CA ASP B 138 15.17 -6.74 -19.12
C ASP B 138 14.07 -7.69 -18.60
N ALA B 139 12.81 -7.37 -18.98
CA ALA B 139 11.66 -8.17 -18.56
C ALA B 139 11.12 -9.00 -19.72
N GLY B 140 11.88 -9.01 -20.82
CA GLY B 140 11.49 -9.76 -22.02
C GLY B 140 11.66 -11.25 -22.10
N HIS B 141 11.11 -11.98 -21.12
CA HIS B 141 11.21 -13.41 -21.08
C HIS B 141 9.94 -13.92 -20.51
N SER B 142 9.51 -15.05 -21.03
CA SER B 142 8.27 -15.64 -20.55
C SER B 142 8.33 -16.01 -19.07
N SER B 143 9.55 -16.28 -18.56
CA SER B 143 9.70 -16.64 -17.16
C SER B 143 9.25 -15.43 -16.28
N PHE B 144 9.40 -14.18 -16.80
CA PHE B 144 9.01 -12.98 -16.04
C PHE B 144 7.49 -12.84 -16.03
N GLN B 145 6.88 -13.01 -17.21
CA GLN B 145 5.44 -12.90 -17.26
C GLN B 145 4.73 -13.89 -16.34
N PHE B 146 5.31 -15.10 -16.22
CA PHE B 146 4.74 -16.16 -15.39
C PHE B 146 5.27 -16.30 -13.99
N TYR B 147 6.10 -15.35 -13.59
CA TYR B 147 6.69 -15.38 -12.25
C TYR B 147 5.66 -15.35 -11.15
N LYS B 148 5.82 -16.17 -10.12
CA LYS B 148 4.85 -16.17 -9.01
C LYS B 148 5.54 -15.95 -7.65
N SER B 149 6.70 -16.58 -7.44
CA SER B 149 7.37 -16.41 -6.16
C SER B 149 8.80 -16.81 -6.15
N GLY B 150 9.46 -16.52 -5.03
CA GLY B 150 10.85 -16.86 -4.90
C GLY B 150 11.80 -15.89 -5.55
N ILE B 151 13.06 -16.27 -5.61
CA ILE B 151 14.05 -15.41 -6.22
C ILE B 151 14.07 -15.64 -7.70
N TYR B 152 13.82 -14.58 -8.45
CA TYR B 152 13.82 -14.64 -9.91
C TYR B 152 15.23 -14.63 -10.52
N PHE B 153 15.51 -15.62 -11.37
CA PHE B 153 16.77 -15.76 -12.04
C PHE B 153 16.49 -16.34 -13.38
N GLU B 154 16.82 -15.59 -14.41
CA GLU B 154 16.61 -16.03 -15.76
C GLU B 154 17.94 -16.09 -16.47
N PRO B 155 18.36 -17.27 -16.88
CA PRO B 155 19.65 -17.38 -17.58
C PRO B 155 19.81 -16.52 -18.81
N ASP B 156 18.73 -16.30 -19.59
CA ASP B 156 18.86 -15.47 -20.78
C ASP B 156 18.70 -14.01 -20.46
N CYS B 157 18.59 -13.68 -19.17
CA CYS B 157 18.44 -12.27 -18.87
C CYS B 157 19.62 -11.42 -19.26
N SER B 158 19.34 -10.22 -19.75
CA SER B 158 20.36 -9.28 -20.18
C SER B 158 20.58 -8.13 -19.20
N SER B 159 21.85 -7.82 -18.91
CA SER B 159 22.17 -6.72 -18.00
C SER B 159 22.25 -5.39 -18.78
N LYS B 160 22.20 -5.44 -20.11
CA LYS B 160 22.27 -4.19 -20.90
C LYS B 160 21.11 -3.90 -21.82
N ASN B 161 20.53 -4.94 -22.40
CA ASN B 161 19.41 -4.70 -23.30
C ASN B 161 18.19 -4.75 -22.42
N LEU B 162 17.73 -3.57 -22.00
CA LEU B 162 16.57 -3.42 -21.12
C LEU B 162 15.34 -2.88 -21.81
N ASP B 163 14.19 -3.24 -21.28
CA ASP B 163 12.95 -2.77 -21.90
C ASP B 163 11.80 -2.45 -20.95
N HIS B 164 12.02 -2.47 -19.63
CA HIS B 164 10.91 -2.20 -18.69
C HIS B 164 11.33 -1.41 -17.45
N GLY B 165 10.53 -0.41 -17.09
CA GLY B 165 10.87 0.37 -15.90
C GLY B 165 10.11 -0.22 -14.72
N VAL B 166 10.80 -0.34 -13.57
CA VAL B 166 10.26 -0.88 -12.32
C VAL B 166 10.80 -0.02 -11.17
N LEU B 167 10.41 -0.36 -9.97
CA LEU B 167 10.88 0.39 -8.83
C LEU B 167 11.53 -0.49 -7.77
N VAL B 168 12.80 -0.15 -7.38
CA VAL B 168 13.42 -0.96 -6.37
C VAL B 168 13.02 -0.35 -5.03
N VAL B 169 12.30 -1.10 -4.18
CA VAL B 169 11.87 -0.57 -2.88
C VAL B 169 12.68 -1.15 -1.72
N GLY B 170 13.60 -2.02 -2.01
CA GLY B 170 14.40 -2.59 -0.93
C GLY B 170 15.29 -3.72 -1.38
N TYR B 171 15.79 -4.51 -0.41
CA TYR B 171 16.63 -5.62 -0.73
C TYR B 171 16.68 -6.45 0.50
N GLY B 172 17.03 -7.67 0.34
CA GLY B 172 17.10 -8.56 1.48
C GLY B 172 17.72 -9.87 1.08
N PHE B 173 17.41 -10.91 1.84
CA PHE B 173 17.93 -12.23 1.59
C PHE B 173 17.02 -13.24 2.23
N GLU B 174 17.12 -14.45 1.74
CA GLU B 174 16.34 -15.58 2.19
C GLU B 174 17.29 -16.45 2.97
N GLY B 175 16.74 -17.29 3.80
CA GLY B 175 17.56 -18.19 4.59
C GLY B 175 18.16 -17.45 5.77
N ALA B 176 19.11 -18.10 6.44
CA ALA B 176 19.74 -17.47 7.59
C ALA B 176 20.94 -16.62 7.28
N ASN B 177 21.74 -17.01 6.30
CA ASN B 177 22.90 -16.22 5.99
C ASN B 177 22.62 -15.03 5.09
N SER B 178 22.90 -13.85 5.60
CA SER B 178 22.70 -12.58 4.92
C SER B 178 23.60 -12.30 3.74
N GLN B 179 24.48 -13.23 3.39
CA GLN B 179 25.35 -12.97 2.27
C GLN B 179 25.10 -13.83 1.07
N ASN B 180 24.06 -14.67 1.14
CA ASN B 180 23.76 -15.52 0.01
C ASN B 180 22.27 -15.49 -0.18
N SER B 181 21.81 -15.81 -1.39
CA SER B 181 20.37 -15.80 -1.66
C SER B 181 19.83 -14.37 -1.50
N LYS B 182 20.61 -13.42 -1.92
CA LYS B 182 20.24 -12.03 -1.83
C LYS B 182 19.29 -11.66 -2.99
N TYR B 183 18.49 -10.63 -2.78
CA TYR B 183 17.59 -10.22 -3.84
C TYR B 183 17.23 -8.78 -3.70
N TRP B 184 16.73 -8.22 -4.79
CA TRP B 184 16.31 -6.85 -4.87
C TRP B 184 14.75 -6.93 -4.74
N LEU B 185 14.09 -6.09 -3.88
CA LEU B 185 12.62 -6.08 -3.69
C LEU B 185 12.16 -5.09 -4.80
N VAL B 186 11.49 -5.62 -5.81
CA VAL B 186 11.02 -4.78 -6.91
C VAL B 186 9.49 -4.72 -7.08
N LYS B 187 8.99 -3.46 -7.18
CA LYS B 187 7.58 -3.20 -7.35
C LYS B 187 7.35 -3.18 -8.87
N ASN B 188 6.40 -3.97 -9.36
CA ASN B 188 6.12 -3.96 -10.79
C ASN B 188 4.85 -3.14 -10.97
N SER B 189 4.37 -2.97 -12.21
CA SER B 189 3.13 -2.19 -12.42
C SER B 189 2.18 -3.08 -13.28
N TRP B 190 2.10 -4.36 -12.97
CA TRP B 190 1.26 -5.32 -13.68
C TRP B 190 0.12 -5.82 -12.83
N GLY B 191 -0.28 -5.02 -11.85
CA GLY B 191 -1.37 -5.45 -10.99
C GLY B 191 -0.84 -6.35 -9.89
N PRO B 192 -1.67 -6.53 -8.86
CA PRO B 192 -1.29 -7.36 -7.70
C PRO B 192 -1.41 -8.86 -7.86
N GLU B 193 -2.02 -9.32 -8.96
CA GLU B 193 -2.17 -10.74 -9.18
C GLU B 193 -0.84 -11.25 -9.74
N TRP B 194 -0.20 -10.45 -10.61
CA TRP B 194 1.08 -10.87 -11.16
C TRP B 194 2.12 -11.05 -10.05
N GLY B 195 2.94 -12.09 -10.11
CA GLY B 195 3.94 -12.31 -9.09
C GLY B 195 3.40 -12.50 -7.68
N SER B 196 2.14 -12.94 -7.60
CA SER B 196 1.40 -13.19 -6.32
C SER B 196 0.99 -11.93 -5.59
N ASN B 197 1.91 -10.94 -5.50
CA ASN B 197 1.55 -9.70 -4.81
C ASN B 197 1.94 -8.45 -5.61
N GLY B 198 2.35 -8.63 -6.88
CA GLY B 198 2.72 -7.47 -7.68
C GLY B 198 4.21 -7.12 -7.61
N TYR B 199 4.91 -7.83 -6.72
CA TYR B 199 6.35 -7.62 -6.51
C TYR B 199 7.14 -8.81 -6.98
N VAL B 200 8.45 -8.61 -7.17
CA VAL B 200 9.27 -9.71 -7.61
C VAL B 200 10.59 -9.55 -6.89
N LYS B 201 11.17 -10.70 -6.52
CA LYS B 201 12.46 -10.70 -5.82
C LYS B 201 13.47 -10.97 -6.95
N ILE B 202 14.27 -10.01 -7.31
CA ILE B 202 15.22 -10.30 -8.38
C ILE B 202 16.60 -10.60 -7.80
N ALA B 203 17.23 -11.66 -8.27
CA ALA B 203 18.55 -12.04 -7.79
C ALA B 203 19.49 -10.82 -7.66
N LYS B 204 20.10 -10.65 -6.48
CA LYS B 204 21.00 -9.55 -6.21
C LYS B 204 22.45 -10.04 -6.09
N ASP B 205 23.36 -9.18 -6.55
CA ASP B 205 24.79 -9.43 -6.54
C ASP B 205 25.12 -10.69 -7.31
N LYS B 206 24.43 -10.85 -8.42
CA LYS B 206 24.63 -11.99 -9.29
C LYS B 206 24.94 -11.39 -10.64
N ASN B 207 25.95 -10.50 -10.65
CA ASN B 207 26.35 -9.84 -11.88
C ASN B 207 25.30 -8.93 -12.53
N ASN B 208 24.68 -8.01 -11.74
CA ASN B 208 23.66 -7.09 -12.22
C ASN B 208 22.59 -7.82 -13.03
N HIS B 209 22.05 -8.86 -12.44
CA HIS B 209 21.02 -9.67 -13.06
C HIS B 209 19.84 -8.87 -13.64
N CYS B 210 19.57 -9.07 -14.94
CA CYS B 210 18.48 -8.40 -15.66
C CYS B 210 18.70 -6.91 -15.75
N GLY B 211 19.93 -6.45 -15.43
CA GLY B 211 20.29 -5.04 -15.48
C GLY B 211 19.69 -4.05 -14.50
N ILE B 212 19.28 -4.53 -13.29
CA ILE B 212 18.67 -3.67 -12.26
C ILE B 212 19.51 -2.45 -11.95
N ALA B 213 20.84 -2.64 -11.96
CA ALA B 213 21.70 -1.48 -11.66
C ALA B 213 22.23 -0.71 -12.86
N THR B 214 21.77 -1.08 -14.05
CA THR B 214 22.24 -0.42 -15.24
C THR B 214 21.81 0.99 -15.50
N ALA B 215 20.54 1.32 -15.25
CA ALA B 215 20.05 2.68 -15.50
C ALA B 215 19.09 3.06 -14.37
N ALA B 216 19.67 3.23 -13.20
CA ALA B 216 18.94 3.57 -11.99
C ALA B 216 18.96 5.05 -11.70
N SER B 217 17.82 5.60 -11.28
CA SER B 217 17.76 7.01 -10.97
C SER B 217 16.65 7.37 -9.99
N TYR B 218 16.69 8.57 -9.45
CA TYR B 218 15.68 9.00 -8.52
C TYR B 218 15.54 10.51 -8.68
N PRO B 219 14.34 11.03 -8.43
CA PRO B 219 14.19 12.50 -8.57
C PRO B 219 14.67 13.30 -7.38
N ASN B 220 15.13 14.54 -7.62
CA ASN B 220 15.60 15.35 -6.52
C ASN B 220 14.49 16.23 -6.07
N VAL B 221 14.06 16.04 -4.84
CA VAL B 221 12.97 16.86 -4.33
C VAL B 221 13.45 17.88 -3.32
N LEU C 1 13.54 2.76 -25.42
CA LEU C 1 12.32 3.16 -24.72
C LEU C 1 11.97 2.03 -23.77
N LEU C 2 11.55 2.38 -22.58
CA LEU C 2 11.18 1.41 -21.57
C LEU C 2 9.66 1.34 -21.69
N SER C 3 9.08 0.14 -21.64
CA SER C 3 7.61 0.00 -21.74
C SER C 3 7.01 -0.82 -20.61
N LEU D 1 -9.52 -12.90 14.69
CA LEU D 1 -9.11 -14.26 14.36
C LEU D 1 -7.58 -14.26 14.17
N LEU D 2 -6.87 -15.32 14.58
CA LEU D 2 -5.42 -15.30 14.40
C LEU D 2 -5.01 -16.06 13.17
N SER D 3 -3.84 -15.71 12.63
CA SER D 3 -3.32 -16.34 11.44
C SER D 3 -3.06 -17.83 11.72
CL CL E . -8.39 -11.54 16.81
C1 MPD F . -14.73 -10.19 18.85
C2 MPD F . -13.69 -10.35 17.75
O2 MPD F . -12.41 -10.47 18.38
CM MPD F . -13.95 -11.62 16.96
C3 MPD F . -13.64 -9.12 16.82
C4 MPD F . -14.86 -8.70 15.96
O4 MPD F . -15.98 -9.56 16.10
C5 MPD F . -15.24 -7.26 16.29
CL CL G . -17.41 -3.18 16.89
C1 MPD H . 5.17 -8.38 -21.46
C2 MPD H . 6.65 -8.05 -21.65
O2 MPD H . 7.40 -8.48 -20.52
CM MPD H . 7.16 -8.82 -22.88
C3 MPD H . 6.87 -6.55 -21.85
C4 MPD H . 8.31 -6.05 -21.79
O4 MPD H . 9.10 -6.85 -22.66
C5 MPD H . 8.47 -4.58 -22.09
CL CL I . 15.46 6.44 -17.41
C1 MPD J . 1.21 -10.08 -17.67
C2 MPD J . 0.83 -8.99 -18.67
O2 MPD J . 1.90 -8.87 -19.62
CM MPD J . -0.41 -9.44 -19.41
C3 MPD J . 0.57 -7.67 -17.93
C4 MPD J . -0.05 -6.46 -18.68
O4 MPD J . -1.34 -6.81 -19.17
C5 MPD J . -0.23 -5.23 -17.78
#